data_2Q32
#
_entry.id   2Q32
#
_cell.length_a   75.769
_cell.length_b   86.017
_cell.length_c   97.753
_cell.angle_alpha   90.000
_cell.angle_beta   90.000
_cell.angle_gamma   90.000
#
_symmetry.space_group_name_H-M   'P 21 21 21'
#
loop_
_entity.id
_entity.type
_entity.pdbx_description
1 polymer 'Heme oxygenase 2'
2 non-polymer OXTOXYNOL-10
3 water water
#
_entity_poly.entity_id   1
_entity_poly.type   'polypeptide(L)'
_entity_poly.pdbx_seq_one_letter_code
;MSAEVETSEGVDESEKKNSGALEKENQMRMADLSELLKEGTKEAHDRAENTQFVKDFLKGNIKKELFKLATTALYFTYSA
LEEEMERNKDHPAFAPLYFPMELHRKEALTKDMEYFFGENWEEQVQAPKAAQKYVERIHYIGQNEPELLVAHAYTRYMGD
LSGGQVLKKVAQRALKLPSTGEGTQFYLFENVDNAQQFKQLYRARMNALDLNMKTKERIVEEANKAFEYNMQIFNELDQA
GSTLARETLEDGFPVHDGKGDMRK
;
_entity_poly.pdbx_strand_id   A,B
#
loop_
_chem_comp.id
_chem_comp.type
_chem_comp.name
_chem_comp.formula
OXN non-polymer OXTOXYNOL-10 'C34 H62 O11'
#
# COMPACT_ATOMS: atom_id res chain seq x y z
N ARG A 29 -10.58 -7.23 -29.96
CA ARG A 29 -10.58 -5.94 -29.19
C ARG A 29 -10.29 -6.15 -27.69
N MET A 30 -10.14 -7.42 -27.30
CA MET A 30 -9.58 -7.79 -25.99
C MET A 30 -8.13 -7.32 -25.89
N ALA A 31 -7.48 -7.23 -27.05
CA ALA A 31 -6.07 -6.89 -27.16
C ALA A 31 -5.83 -5.39 -27.29
N ASP A 32 -6.91 -4.60 -27.32
CA ASP A 32 -6.81 -3.14 -27.20
C ASP A 32 -6.14 -2.82 -25.88
N LEU A 33 -5.12 -1.97 -25.91
CA LEU A 33 -4.38 -1.58 -24.71
C LEU A 33 -5.31 -1.13 -23.58
N SER A 34 -6.30 -0.29 -23.93
CA SER A 34 -7.29 0.22 -22.97
C SER A 34 -8.09 -0.90 -22.28
N GLU A 35 -8.39 -1.97 -23.02
CA GLU A 35 -9.05 -3.16 -22.46
C GLU A 35 -8.12 -3.96 -21.54
N LEU A 36 -6.87 -4.10 -21.95
CA LEU A 36 -5.87 -4.84 -21.16
C LEU A 36 -5.58 -4.09 -19.86
N LEU A 37 -5.62 -2.76 -19.92
CA LEU A 37 -5.44 -1.92 -18.73
C LEU A 37 -6.63 -2.05 -17.79
N LYS A 38 -7.84 -1.95 -18.34
CA LYS A 38 -9.06 -2.02 -17.54
C LYS A 38 -9.14 -3.34 -16.78
N GLU A 39 -8.90 -4.44 -17.49
CA GLU A 39 -8.87 -5.78 -16.93
C GLU A 39 -7.66 -6.04 -16.03
N GLY A 40 -6.53 -5.44 -16.38
CA GLY A 40 -5.26 -5.70 -15.73
C GLY A 40 -5.05 -4.96 -14.43
N THR A 41 -5.71 -3.81 -14.30
CA THR A 41 -5.55 -2.96 -13.12
C THR A 41 -6.81 -2.94 -12.25
N LYS A 42 -7.70 -3.91 -12.46
CA LYS A 42 -8.99 -3.96 -11.78
C LYS A 42 -8.86 -4.03 -10.25
N GLU A 43 -8.03 -4.95 -9.76
CA GLU A 43 -7.79 -5.07 -8.33
C GLU A 43 -7.11 -3.84 -7.72
N ALA A 44 -6.14 -3.28 -8.44
CA ALA A 44 -5.47 -2.08 -7.98
C ALA A 44 -6.42 -0.86 -7.91
N HIS A 45 -7.24 -0.70 -8.94
CA HIS A 45 -8.24 0.39 -8.99
C HIS A 45 -9.27 0.26 -7.87
N ASP A 46 -9.66 -0.98 -7.63
CA ASP A 46 -10.54 -1.32 -6.54
C ASP A 46 -9.97 -0.94 -5.17
N ARG A 47 -8.70 -1.23 -4.94
N ARG A 47 -8.69 -1.25 -4.96
CA ARG A 47 -8.06 -0.91 -3.66
CA ARG A 47 -7.95 -0.93 -3.74
C ARG A 47 -7.93 0.60 -3.42
C ARG A 47 -7.94 0.57 -3.45
N ALA A 48 -7.67 1.36 -4.49
CA ALA A 48 -7.55 2.81 -4.39
C ALA A 48 -8.90 3.51 -4.14
N GLU A 49 -9.96 3.02 -4.79
CA GLU A 49 -11.30 3.52 -4.54
C GLU A 49 -11.72 3.34 -3.09
N ASN A 50 -11.37 2.18 -2.52
CA ASN A 50 -11.87 1.82 -1.22
C ASN A 50 -10.89 2.05 -0.06
N THR A 51 -9.82 2.77 -0.35
CA THR A 51 -8.81 3.05 0.65
C THR A 51 -9.23 4.21 1.56
N GLN A 52 -8.95 4.03 2.85
CA GLN A 52 -9.45 4.89 3.92
C GLN A 52 -9.23 6.36 3.67
N PHE A 53 -8.08 6.72 3.13
CA PHE A 53 -7.75 8.12 2.91
C PHE A 53 -8.65 8.79 1.84
N VAL A 54 -8.98 8.03 0.81
CA VAL A 54 -9.85 8.49 -0.27
C VAL A 54 -11.25 8.71 0.28
N LYS A 55 -11.75 7.71 0.99
CA LYS A 55 -13.04 7.75 1.64
C LYS A 55 -13.18 8.93 2.61
N ASP A 56 -12.15 9.15 3.44
CA ASP A 56 -12.12 10.25 4.41
C ASP A 56 -12.22 11.60 3.70
N PHE A 57 -11.54 11.70 2.55
CA PHE A 57 -11.59 12.90 1.74
C PHE A 57 -13.00 13.09 1.20
N LEU A 58 -13.54 12.05 0.56
CA LEU A 58 -14.90 12.09 -0.01
C LEU A 58 -15.97 12.48 1.00
N LYS A 59 -15.79 12.10 2.27
CA LYS A 59 -16.76 12.42 3.32
C LYS A 59 -16.61 13.83 3.88
N GLY A 60 -15.53 14.51 3.52
CA GLY A 60 -15.26 15.85 3.97
C GLY A 60 -14.42 15.94 5.24
N ASN A 61 -13.70 14.87 5.53
CA ASN A 61 -12.97 14.72 6.79
C ASN A 61 -11.54 15.21 6.78
N ILE A 62 -11.06 15.67 5.65
CA ILE A 62 -9.67 16.09 5.58
C ILE A 62 -9.50 17.61 5.82
N LYS A 63 -8.78 17.93 6.91
CA LYS A 63 -8.52 19.29 7.37
C LYS A 63 -7.53 20.04 6.46
N LYS A 64 -7.49 21.35 6.64
CA LYS A 64 -6.73 22.25 5.78
C LYS A 64 -5.26 21.90 5.60
N GLU A 65 -4.56 21.66 6.71
CA GLU A 65 -3.14 21.32 6.67
C GLU A 65 -2.86 20.01 5.95
N LEU A 66 -3.71 19.01 6.17
CA LEU A 66 -3.55 17.74 5.47
C LEU A 66 -3.82 17.89 3.96
N PHE A 67 -4.76 18.77 3.61
CA PHE A 67 -5.04 19.09 2.20
C PHE A 67 -3.87 19.78 1.54
N LYS A 68 -3.28 20.73 2.25
CA LYS A 68 -2.11 21.45 1.78
C LYS A 68 -0.94 20.50 1.56
N LEU A 69 -0.80 19.55 2.48
CA LEU A 69 0.21 18.50 2.38
C LEU A 69 -0.08 17.56 1.17
N ALA A 70 -1.33 17.13 1.03
CA ALA A 70 -1.76 16.39 -0.16
C ALA A 70 -1.48 17.12 -1.48
N THR A 71 -1.74 18.43 -1.51
CA THR A 71 -1.51 19.26 -2.70
C THR A 71 0.00 19.40 -3.01
N THR A 72 0.82 19.41 -1.96
CA THR A 72 2.28 19.37 -2.05
C THR A 72 2.75 18.10 -2.74
N ALA A 73 2.29 16.95 -2.28
CA ALA A 73 2.58 15.69 -2.96
C ALA A 73 2.15 15.76 -4.44
N LEU A 74 0.97 16.32 -4.72
CA LEU A 74 0.54 16.50 -6.12
C LEU A 74 1.51 17.36 -6.93
N TYR A 75 1.95 18.46 -6.35
CA TYR A 75 2.89 19.33 -7.06
C TYR A 75 4.13 18.59 -7.53
N PHE A 76 4.79 17.87 -6.63
CA PHE A 76 6.06 17.24 -6.98
C PHE A 76 5.92 16.05 -7.91
N THR A 77 4.84 15.28 -7.76
CA THR A 77 4.66 14.11 -8.63
C THR A 77 4.26 14.51 -10.05
N TYR A 78 3.36 15.48 -10.18
CA TYR A 78 2.99 16.02 -11.51
C TYR A 78 4.13 16.76 -12.22
N SER A 79 4.95 17.49 -11.48
CA SER A 79 6.11 18.17 -12.08
C SER A 79 7.00 17.18 -12.81
N ALA A 80 7.32 16.10 -12.11
CA ALA A 80 8.16 15.01 -12.59
C ALA A 80 7.53 14.32 -13.81
N LEU A 81 6.28 13.89 -13.70
CA LEU A 81 5.57 13.21 -14.77
C LEU A 81 5.53 14.07 -16.03
N GLU A 82 5.26 15.37 -15.85
CA GLU A 82 5.12 16.30 -16.96
C GLU A 82 6.43 16.72 -17.61
N GLU A 83 7.51 16.69 -16.81
CA GLU A 83 8.87 16.89 -17.32
C GLU A 83 9.33 15.74 -18.23
N GLU A 84 8.99 14.51 -17.82
CA GLU A 84 9.27 13.32 -18.60
C GLU A 84 8.38 13.15 -19.83
N MET A 85 7.16 13.67 -19.76
CA MET A 85 6.29 13.66 -20.93
C MET A 85 6.81 14.68 -21.93
N GLU A 86 7.35 15.79 -21.43
CA GLU A 86 7.97 16.81 -22.28
C GLU A 86 9.28 16.34 -22.89
N ARG A 87 10.05 15.56 -22.13
CA ARG A 87 11.27 14.95 -22.64
C ARG A 87 10.98 14.01 -23.82
N ASN A 88 9.85 13.31 -23.76
CA ASN A 88 9.47 12.29 -24.73
C ASN A 88 8.36 12.70 -25.68
N LYS A 89 8.12 14.00 -25.77
CA LYS A 89 7.06 14.53 -26.64
C LYS A 89 7.13 14.11 -28.11
N ASP A 90 8.34 13.79 -28.60
CA ASP A 90 8.54 13.34 -29.98
C ASP A 90 8.76 11.83 -30.08
N HIS A 91 8.70 11.12 -28.95
CA HIS A 91 8.91 9.67 -28.95
C HIS A 91 7.73 8.93 -29.60
N PRO A 92 8.01 7.97 -30.50
CA PRO A 92 6.95 7.26 -31.23
C PRO A 92 5.91 6.54 -30.36
N ALA A 93 6.34 6.04 -29.21
CA ALA A 93 5.46 5.32 -28.28
C ALA A 93 4.70 6.25 -27.35
N PHE A 94 4.96 7.55 -27.42
CA PHE A 94 4.26 8.49 -26.56
C PHE A 94 3.72 9.74 -27.24
N ALA A 95 4.35 10.16 -28.34
CA ALA A 95 4.05 11.48 -28.93
C ALA A 95 2.55 11.83 -29.09
N PRO A 96 1.72 10.90 -29.62
CA PRO A 96 0.29 11.22 -29.81
C PRO A 96 -0.45 11.59 -28.53
N LEU A 97 0.04 11.09 -27.39
CA LEU A 97 -0.56 11.30 -26.08
C LEU A 97 -0.02 12.55 -25.35
N TYR A 98 0.78 13.34 -26.04
CA TYR A 98 1.32 14.56 -25.48
C TYR A 98 0.30 15.69 -25.54
N PHE A 99 -0.26 16.02 -24.38
CA PHE A 99 -1.30 17.05 -24.30
C PHE A 99 -1.00 18.10 -23.22
N PRO A 100 0.05 18.93 -23.45
CA PRO A 100 0.40 19.91 -22.41
C PRO A 100 -0.73 20.90 -22.12
N MET A 101 -1.35 21.46 -23.17
N MET A 101 -1.38 21.40 -23.17
CA MET A 101 -2.43 22.45 -23.06
CA MET A 101 -2.38 22.45 -23.06
C MET A 101 -3.64 21.89 -22.34
C MET A 101 -3.71 21.96 -22.49
N GLU A 102 -4.07 20.70 -22.74
CA GLU A 102 -5.33 20.10 -22.24
C GLU A 102 -5.27 19.55 -20.82
N LEU A 103 -4.12 18.97 -20.47
CA LEU A 103 -4.03 18.05 -19.35
C LEU A 103 -3.06 18.43 -18.26
N HIS A 104 -2.00 19.17 -18.58
CA HIS A 104 -0.89 19.40 -17.62
C HIS A 104 -1.34 20.20 -16.40
N ARG A 105 -0.93 19.75 -15.22
CA ARG A 105 -1.44 20.27 -13.94
C ARG A 105 -0.46 21.13 -13.16
N LYS A 106 0.80 21.13 -13.58
CA LYS A 106 1.84 21.85 -12.84
C LYS A 106 1.49 23.33 -12.59
N GLU A 107 1.04 24.05 -13.61
N GLU A 107 1.05 24.01 -13.66
CA GLU A 107 0.76 25.49 -13.42
CA GLU A 107 0.68 25.43 -13.60
C GLU A 107 -0.56 25.76 -12.68
C GLU A 107 -0.46 25.65 -12.61
N ALA A 108 -1.48 24.80 -12.70
CA ALA A 108 -2.69 24.87 -11.84
C ALA A 108 -2.34 24.56 -10.41
N LEU A 109 -1.49 23.57 -10.21
CA LEU A 109 -0.97 23.23 -8.87
C LEU A 109 -0.09 24.34 -8.27
N THR A 110 0.68 25.04 -9.08
CA THR A 110 1.47 26.19 -8.62
C THR A 110 0.57 27.31 -8.05
N LYS A 111 -0.53 27.61 -8.73
CA LYS A 111 -1.47 28.62 -8.26
C LYS A 111 -2.13 28.20 -6.94
N ASP A 112 -2.44 26.91 -6.82
CA ASP A 112 -3.03 26.37 -5.60
C ASP A 112 -2.04 26.45 -4.45
N MET A 113 -0.78 26.17 -4.76
CA MET A 113 0.31 26.26 -3.79
C MET A 113 0.48 27.70 -3.30
N GLU A 114 0.49 28.64 -4.25
CA GLU A 114 0.52 30.09 -3.98
C GLU A 114 -0.63 30.51 -3.07
N TYR A 115 -1.83 30.09 -3.43
CA TYR A 115 -3.02 30.39 -2.65
C TYR A 115 -2.94 29.93 -1.18
N PHE A 116 -2.45 28.72 -0.93
CA PHE A 116 -2.38 28.17 0.45
C PHE A 116 -1.17 28.61 1.26
N PHE A 117 -0.03 28.83 0.60
CA PHE A 117 1.23 29.13 1.30
C PHE A 117 1.78 30.55 1.10
N GLY A 118 1.33 31.24 0.05
CA GLY A 118 1.85 32.57 -0.29
C GLY A 118 2.93 32.54 -1.37
N GLU A 119 3.49 33.69 -1.73
N GLU A 119 3.45 33.73 -1.70
CA GLU A 119 4.43 33.75 -2.86
CA GLU A 119 4.50 33.94 -2.70
C GLU A 119 5.73 32.93 -2.71
C GLU A 119 5.65 32.94 -2.67
N ASN A 120 6.25 32.78 -1.48
CA ASN A 120 7.45 31.95 -1.31
C ASN A 120 7.12 30.55 -0.76
N TRP A 121 6.18 29.90 -1.43
CA TRP A 121 5.67 28.61 -1.00
C TRP A 121 6.73 27.52 -1.20
N GLU A 122 7.59 27.71 -2.20
CA GLU A 122 8.64 26.75 -2.56
C GLU A 122 9.59 26.50 -1.40
N GLU A 123 9.94 27.54 -0.66
CA GLU A 123 10.80 27.36 0.51
C GLU A 123 10.06 26.89 1.77
N GLN A 124 8.75 26.70 1.68
CA GLN A 124 7.96 26.25 2.81
C GLN A 124 7.62 24.77 2.73
N VAL A 125 7.97 24.13 1.62
CA VAL A 125 7.55 22.75 1.37
C VAL A 125 8.70 21.83 0.94
N GLN A 126 8.52 20.53 1.17
CA GLN A 126 9.44 19.53 0.65
C GLN A 126 8.66 18.30 0.18
N ALA A 127 9.21 17.58 -0.80
CA ALA A 127 8.54 16.39 -1.28
C ALA A 127 8.54 15.32 -0.19
N PRO A 128 7.37 14.80 0.19
CA PRO A 128 7.38 13.74 1.20
C PRO A 128 7.99 12.47 0.63
N LYS A 129 8.46 11.57 1.49
CA LYS A 129 9.23 10.41 1.07
C LYS A 129 8.56 9.54 0.00
N ALA A 130 7.28 9.25 0.20
CA ALA A 130 6.51 8.42 -0.76
C ALA A 130 6.28 9.14 -2.09
N ALA A 131 6.17 10.47 -2.06
CA ALA A 131 6.15 11.24 -3.30
C ALA A 131 7.51 11.20 -4.04
N GLN A 132 8.62 11.27 -3.30
N GLN A 132 8.61 11.29 -3.28
CA GLN A 132 9.96 11.24 -3.90
CA GLN A 132 9.98 11.21 -3.80
C GLN A 132 10.33 9.87 -4.50
C GLN A 132 10.21 9.90 -4.56
N LYS A 133 9.71 8.80 -3.98
CA LYS A 133 9.83 7.47 -4.56
C LYS A 133 9.11 7.39 -5.91
N TYR A 134 7.94 8.01 -6.03
CA TYR A 134 7.23 8.01 -7.30
C TYR A 134 7.99 8.85 -8.33
N VAL A 135 8.43 10.02 -7.91
CA VAL A 135 9.27 10.94 -8.71
C VAL A 135 10.49 10.24 -9.28
N GLU A 136 11.20 9.48 -8.45
N GLU A 136 11.16 9.43 -8.48
CA GLU A 136 12.34 8.69 -8.90
CA GLU A 136 12.36 8.74 -8.93
C GLU A 136 11.93 7.75 -10.00
C GLU A 136 12.04 7.59 -9.89
N ARG A 137 10.85 7.01 -9.76
CA ARG A 137 10.37 6.01 -10.70
C ARG A 137 10.00 6.66 -12.04
N ILE A 138 9.37 7.85 -11.99
CA ILE A 138 8.93 8.49 -13.23
C ILE A 138 10.10 9.04 -14.05
N HIS A 139 11.09 9.65 -13.40
CA HIS A 139 12.35 10.01 -14.07
C HIS A 139 13.08 8.81 -14.67
N TYR A 140 13.09 7.69 -13.95
CA TYR A 140 13.65 6.45 -14.47
C TYR A 140 12.97 5.97 -15.75
N ILE A 141 11.65 5.90 -15.73
CA ILE A 141 10.85 5.44 -16.85
C ILE A 141 11.00 6.42 -18.04
N GLY A 142 10.79 7.70 -17.78
CA GLY A 142 10.92 8.71 -18.84
C GLY A 142 12.31 8.78 -19.46
N GLN A 143 13.34 8.37 -18.70
CA GLN A 143 14.72 8.39 -19.19
C GLN A 143 15.23 7.04 -19.69
N ASN A 144 14.53 5.96 -19.39
CA ASN A 144 15.01 4.61 -19.71
C ASN A 144 13.99 3.68 -20.36
N GLU A 145 12.74 3.74 -19.91
CA GLU A 145 11.67 2.95 -20.54
C GLU A 145 10.49 3.81 -20.98
N PRO A 146 10.73 4.79 -21.87
CA PRO A 146 9.70 5.79 -22.21
C PRO A 146 8.45 5.24 -22.91
N GLU A 147 8.48 3.98 -23.36
CA GLU A 147 7.26 3.34 -23.87
C GLU A 147 6.28 2.94 -22.76
N LEU A 148 6.70 3.11 -21.51
CA LEU A 148 5.85 2.80 -20.34
C LEU A 148 5.26 4.04 -19.67
N LEU A 149 5.66 5.21 -20.16
CA LEU A 149 5.15 6.50 -19.68
C LEU A 149 3.62 6.58 -19.74
N VAL A 150 3.05 6.07 -20.82
CA VAL A 150 1.60 5.96 -20.99
C VAL A 150 0.92 5.20 -19.83
N ALA A 151 1.61 4.23 -19.21
CA ALA A 151 1.13 3.59 -17.99
C ALA A 151 0.81 4.60 -16.90
N HIS A 152 1.68 5.58 -16.72
CA HIS A 152 1.52 6.63 -15.72
C HIS A 152 0.52 7.70 -16.12
N ALA A 153 0.61 8.12 -17.37
CA ALA A 153 -0.21 9.21 -17.90
C ALA A 153 -1.67 8.80 -18.05
N TYR A 154 -1.90 7.56 -18.48
CA TYR A 154 -3.27 7.07 -18.68
C TYR A 154 -4.03 6.95 -17.36
N THR A 155 -3.43 6.25 -16.39
CA THR A 155 -4.08 6.02 -15.10
C THR A 155 -4.25 7.32 -14.31
N ARG A 156 -3.26 8.20 -14.38
CA ARG A 156 -3.38 9.50 -13.75
C ARG A 156 -4.46 10.41 -14.39
N TYR A 157 -4.20 10.91 -15.60
CA TYR A 157 -5.02 11.99 -16.16
C TYR A 157 -6.45 11.62 -16.45
N MET A 158 -6.69 10.39 -16.88
CA MET A 158 -8.05 9.92 -17.13
C MET A 158 -8.86 9.84 -15.84
N GLY A 159 -8.20 9.43 -14.75
CA GLY A 159 -8.78 9.52 -13.40
C GLY A 159 -9.12 10.94 -12.99
N ASP A 160 -8.16 11.85 -13.17
CA ASP A 160 -8.31 13.28 -12.90
C ASP A 160 -9.49 13.93 -13.63
N LEU A 161 -9.62 13.60 -14.91
CA LEU A 161 -10.71 14.04 -15.79
C LEU A 161 -12.07 13.51 -15.36
N SER A 162 -12.11 12.22 -15.02
CA SER A 162 -13.31 11.58 -14.50
C SER A 162 -13.81 12.24 -13.21
N GLY A 163 -12.91 12.44 -12.25
CA GLY A 163 -13.30 12.75 -10.88
C GLY A 163 -13.23 14.19 -10.42
N GLY A 164 -12.67 15.06 -11.24
CA GLY A 164 -12.31 16.43 -10.81
C GLY A 164 -13.42 17.24 -10.22
N GLN A 165 -14.54 17.29 -10.93
CA GLN A 165 -15.71 18.07 -10.57
C GLN A 165 -16.33 17.68 -9.21
N VAL A 166 -16.37 16.39 -8.89
CA VAL A 166 -16.84 15.93 -7.57
C VAL A 166 -15.79 16.24 -6.49
N LEU A 167 -14.53 16.01 -6.80
CA LEU A 167 -13.42 16.29 -5.87
C LEU A 167 -13.30 17.78 -5.53
N LYS A 168 -13.45 18.64 -6.53
CA LYS A 168 -13.42 20.09 -6.37
C LYS A 168 -14.46 20.58 -5.36
N LYS A 169 -15.71 20.14 -5.55
CA LYS A 169 -16.84 20.46 -4.68
C LYS A 169 -16.65 19.94 -3.25
N VAL A 170 -16.12 18.72 -3.13
CA VAL A 170 -15.79 18.15 -1.82
C VAL A 170 -14.80 19.05 -1.07
N ALA A 171 -13.70 19.42 -1.73
CA ALA A 171 -12.65 20.26 -1.14
C ALA A 171 -13.16 21.65 -0.75
N GLN A 172 -13.91 22.29 -1.66
CA GLN A 172 -14.48 23.63 -1.43
C GLN A 172 -15.43 23.67 -0.24
N ARG A 173 -16.27 22.66 -0.15
CA ARG A 173 -17.23 22.55 0.95
C ARG A 173 -16.50 22.24 2.26
N ALA A 174 -15.60 21.26 2.26
CA ALA A 174 -14.84 20.91 3.46
C ALA A 174 -14.06 22.09 4.03
N LEU A 175 -13.35 22.80 3.15
CA LEU A 175 -12.39 23.80 3.59
C LEU A 175 -12.90 25.21 3.39
N LYS A 176 -14.18 25.32 3.03
CA LYS A 176 -14.84 26.60 2.78
C LYS A 176 -14.02 27.47 1.85
N LEU A 177 -13.70 26.92 0.68
CA LEU A 177 -12.90 27.58 -0.34
C LEU A 177 -13.83 28.30 -1.30
N PRO A 178 -13.36 29.43 -1.88
CA PRO A 178 -14.23 30.24 -2.74
C PRO A 178 -14.72 29.45 -3.94
N SER A 179 -15.97 29.72 -4.32
CA SER A 179 -16.60 29.08 -5.49
C SER A 179 -15.93 29.51 -6.81
N THR A 180 -15.24 30.64 -6.79
CA THR A 180 -14.49 31.11 -7.98
C THR A 180 -13.28 30.25 -8.41
N GLY A 181 -12.86 29.27 -7.60
CA GLY A 181 -11.83 28.31 -8.01
C GLY A 181 -10.46 28.36 -7.33
N GLU A 182 -10.20 29.41 -6.56
CA GLU A 182 -8.95 29.52 -5.82
C GLU A 182 -8.77 28.34 -4.87
N GLY A 183 -7.60 27.72 -4.94
CA GLY A 183 -7.33 26.56 -4.10
C GLY A 183 -7.65 25.23 -4.73
N THR A 184 -8.51 25.22 -5.75
CA THR A 184 -8.92 23.97 -6.42
C THR A 184 -8.76 24.00 -7.95
N GLN A 185 -7.84 24.80 -8.47
CA GLN A 185 -7.64 24.84 -9.90
C GLN A 185 -7.11 23.56 -10.51
N PHE A 186 -6.40 22.76 -9.71
CA PHE A 186 -5.98 21.42 -10.09
C PHE A 186 -7.13 20.55 -10.62
N TYR A 187 -8.31 20.74 -10.04
CA TYR A 187 -9.47 19.90 -10.33
C TYR A 187 -10.21 20.37 -11.57
N LEU A 188 -9.83 21.53 -12.10
CA LEU A 188 -10.50 22.09 -13.26
C LEU A 188 -9.59 22.06 -14.47
N PHE A 189 -10.09 21.46 -15.53
CA PHE A 189 -9.42 21.42 -16.82
C PHE A 189 -10.02 22.50 -17.73
N GLU A 190 -9.45 23.70 -17.65
N GLU A 190 -9.49 23.72 -17.61
CA GLU A 190 -9.99 24.88 -18.35
CA GLU A 190 -9.94 24.89 -18.40
C GLU A 190 -9.78 24.86 -19.88
C GLU A 190 -10.15 24.53 -19.87
N ASN A 191 -9.20 23.78 -20.40
CA ASN A 191 -9.04 23.57 -21.85
C ASN A 191 -9.59 22.25 -22.37
N VAL A 192 -10.43 21.59 -21.56
CA VAL A 192 -11.20 20.44 -22.02
C VAL A 192 -12.67 20.79 -21.87
N ASP A 193 -13.36 20.92 -22.99
CA ASP A 193 -14.78 21.26 -23.00
C ASP A 193 -15.66 20.11 -22.50
N ASN A 194 -15.27 18.88 -22.82
CA ASN A 194 -16.04 17.70 -22.45
C ASN A 194 -15.10 16.55 -22.10
N ALA A 195 -14.97 16.26 -20.81
CA ALA A 195 -14.09 15.20 -20.30
C ALA A 195 -14.33 13.82 -20.93
N GLN A 196 -15.59 13.47 -21.15
CA GLN A 196 -15.95 12.16 -21.68
C GLN A 196 -15.45 12.00 -23.12
N GLN A 197 -15.71 13.01 -23.94
CA GLN A 197 -15.21 13.08 -25.31
C GLN A 197 -13.68 12.99 -25.36
N PHE A 198 -13.00 13.73 -24.49
CA PHE A 198 -11.54 13.73 -24.52
C PHE A 198 -10.94 12.38 -24.10
N LYS A 199 -11.53 11.75 -23.08
CA LYS A 199 -11.13 10.41 -22.65
C LYS A 199 -11.25 9.39 -23.79
N GLN A 200 -12.34 9.49 -24.56
CA GLN A 200 -12.56 8.64 -25.73
C GLN A 200 -11.46 8.84 -26.78
N LEU A 201 -11.09 10.09 -27.00
CA LEU A 201 -10.08 10.46 -27.99
C LEU A 201 -8.70 9.99 -27.55
N TYR A 202 -8.42 10.11 -26.26
CA TYR A 202 -7.16 9.68 -25.64
C TYR A 202 -6.96 8.15 -25.76
N ARG A 203 -8.03 7.38 -25.43
CA ARG A 203 -8.03 5.93 -25.58
C ARG A 203 -7.85 5.46 -27.00
N ALA A 204 -8.61 6.04 -27.93
CA ALA A 204 -8.46 5.75 -29.36
C ALA A 204 -7.02 5.98 -29.83
N ARG A 205 -6.39 7.05 -29.34
CA ARG A 205 -4.97 7.28 -29.60
C ARG A 205 -4.07 6.24 -28.96
N MET A 206 -4.37 5.90 -27.72
CA MET A 206 -3.59 4.92 -26.99
C MET A 206 -3.70 3.55 -27.65
N ASN A 207 -4.89 3.24 -28.15
CA ASN A 207 -5.15 1.98 -28.85
C ASN A 207 -4.57 1.87 -30.27
N ALA A 208 -4.34 3.02 -30.91
CA ALA A 208 -3.76 3.06 -32.25
C ALA A 208 -2.23 2.95 -32.22
N LEU A 209 -1.65 3.04 -31.03
CA LEU A 209 -0.21 2.95 -30.88
C LEU A 209 0.32 1.61 -31.37
N ASP A 210 1.39 1.66 -32.16
CA ASP A 210 2.06 0.48 -32.70
C ASP A 210 2.89 -0.18 -31.59
N LEU A 211 2.22 -1.00 -30.78
CA LEU A 211 2.88 -1.69 -29.66
C LEU A 211 2.60 -3.18 -29.76
N ASN A 212 3.61 -4.00 -29.50
CA ASN A 212 3.41 -5.46 -29.47
C ASN A 212 2.86 -5.94 -28.12
N MET A 213 2.32 -7.16 -28.10
CA MET A 213 1.64 -7.72 -26.93
C MET A 213 2.51 -7.75 -25.67
N LYS A 214 3.82 -7.90 -25.86
CA LYS A 214 4.80 -7.92 -24.77
C LYS A 214 4.94 -6.51 -24.14
N THR A 215 4.95 -5.49 -24.97
CA THR A 215 5.07 -4.12 -24.50
C THR A 215 3.80 -3.70 -23.79
N LYS A 216 2.65 -4.14 -24.29
CA LYS A 216 1.36 -3.83 -23.68
C LYS A 216 1.24 -4.42 -22.28
N GLU A 217 1.65 -5.68 -22.14
CA GLU A 217 1.75 -6.38 -20.84
C GLU A 217 2.68 -5.64 -19.86
N ARG A 218 3.80 -5.09 -20.37
CA ARG A 218 4.73 -4.32 -19.55
C ARG A 218 4.15 -2.96 -19.15
N ILE A 219 3.31 -2.41 -20.01
CA ILE A 219 2.54 -1.20 -19.71
C ILE A 219 1.50 -1.47 -18.61
N VAL A 220 0.75 -2.57 -18.73
CA VAL A 220 -0.24 -2.96 -17.71
C VAL A 220 0.45 -3.17 -16.35
N GLU A 221 1.65 -3.76 -16.39
CA GLU A 221 2.48 -4.00 -15.22
C GLU A 221 2.91 -2.69 -14.54
N GLU A 222 3.28 -1.71 -15.36
CA GLU A 222 3.75 -0.43 -14.87
C GLU A 222 2.56 0.41 -14.38
N ALA A 223 1.39 0.20 -14.98
CA ALA A 223 0.15 0.84 -14.51
C ALA A 223 -0.21 0.38 -13.10
N ASN A 224 -0.04 -0.91 -12.83
CA ASN A 224 -0.22 -1.44 -11.48
C ASN A 224 0.77 -0.84 -10.50
N LYS A 225 2.03 -0.71 -10.90
CA LYS A 225 3.06 -0.05 -10.08
C LYS A 225 2.65 1.39 -9.77
N ALA A 226 2.19 2.10 -10.80
CA ALA A 226 1.72 3.47 -10.69
C ALA A 226 0.61 3.62 -9.63
N PHE A 227 -0.40 2.74 -9.67
CA PHE A 227 -1.43 2.69 -8.63
C PHE A 227 -0.81 2.54 -7.22
N GLU A 228 0.10 1.59 -7.06
CA GLU A 228 0.67 1.33 -5.74
C GLU A 228 1.51 2.48 -5.18
N TYR A 229 2.26 3.16 -6.05
CA TYR A 229 2.96 4.38 -5.66
C TYR A 229 2.01 5.38 -5.02
N ASN A 230 0.80 5.49 -5.59
CA ASN A 230 -0.26 6.32 -4.99
C ASN A 230 -0.80 5.82 -3.66
N MET A 231 -1.05 4.53 -3.55
CA MET A 231 -1.41 3.91 -2.29
C MET A 231 -0.42 4.27 -1.20
N GLN A 232 0.85 4.42 -1.57
CA GLN A 232 1.89 4.69 -0.57
C GLN A 232 1.92 6.16 -0.22
N ILE A 233 1.61 7.01 -1.18
CA ILE A 233 1.38 8.42 -0.90
C ILE A 233 0.19 8.61 0.07
N PHE A 234 -0.95 7.97 -0.23
CA PHE A 234 -2.13 8.02 0.65
C PHE A 234 -1.82 7.49 2.02
N ASN A 235 -1.04 6.40 2.08
CA ASN A 235 -0.65 5.73 3.32
C ASN A 235 0.14 6.70 4.20
N GLU A 236 1.12 7.36 3.61
CA GLU A 236 1.92 8.39 4.25
C GLU A 236 1.07 9.62 4.69
N LEU A 237 0.15 10.08 3.84
CA LEU A 237 -0.81 11.15 4.20
C LEU A 237 -1.74 10.82 5.37
N ASP A 238 -2.22 9.58 5.39
CA ASP A 238 -3.12 9.10 6.44
C ASP A 238 -2.37 9.02 7.78
N GLN A 239 -1.08 8.73 7.69
CA GLN A 239 -0.21 8.62 8.85
C GLN A 239 0.19 10.01 9.35
N ALA A 240 -0.07 11.04 8.56
CA ALA A 240 0.30 12.42 8.91
C ALA A 240 -0.79 13.12 9.71
N GLY A 241 -2.01 13.15 9.14
CA GLY A 241 -3.18 13.75 9.77
C GLY A 241 -3.96 12.74 10.60
N ALA B 31 26.22 -11.92 0.24
CA ALA B 31 25.63 -12.41 1.53
C ALA B 31 24.27 -13.06 1.32
N ASP B 32 24.00 -14.12 2.09
CA ASP B 32 22.72 -14.82 2.08
C ASP B 32 21.59 -13.84 2.33
N LEU B 33 20.40 -14.17 1.84
CA LEU B 33 19.23 -13.32 2.02
C LEU B 33 18.85 -13.25 3.49
N SER B 34 18.96 -14.37 4.21
CA SER B 34 18.64 -14.41 5.63
C SER B 34 19.52 -13.45 6.43
N GLU B 35 20.79 -13.36 6.03
CA GLU B 35 21.76 -12.49 6.70
C GLU B 35 21.53 -11.01 6.37
N LEU B 36 21.26 -10.72 5.09
CA LEU B 36 20.91 -9.39 4.68
C LEU B 36 19.65 -8.90 5.39
N LEU B 37 18.70 -9.81 5.57
CA LEU B 37 17.45 -9.53 6.26
C LEU B 37 17.62 -9.29 7.77
N LYS B 38 18.40 -10.14 8.43
CA LYS B 38 18.65 -10.02 9.88
C LYS B 38 19.39 -8.72 10.19
N GLU B 39 20.47 -8.49 9.44
CA GLU B 39 21.25 -7.25 9.54
C GLU B 39 20.42 -6.02 9.16
N GLY B 40 19.72 -6.11 8.03
CA GLY B 40 19.02 -4.98 7.44
C GLY B 40 17.72 -4.56 8.10
N THR B 41 17.17 -5.42 8.95
CA THR B 41 15.95 -5.08 9.69
C THR B 41 16.15 -5.07 11.19
N LYS B 42 17.41 -5.01 11.64
CA LYS B 42 17.71 -4.99 13.06
C LYS B 42 17.02 -3.82 13.76
N GLU B 43 17.31 -2.60 13.32
CA GLU B 43 16.71 -1.40 13.90
C GLU B 43 15.19 -1.52 14.04
N ALA B 44 14.54 -1.94 12.96
CA ALA B 44 13.08 -2.06 12.91
C ALA B 44 12.55 -3.15 13.84
N HIS B 45 13.36 -4.20 14.04
CA HIS B 45 13.07 -5.32 14.92
C HIS B 45 13.07 -4.90 16.40
N ASP B 46 14.04 -4.05 16.76
CA ASP B 46 14.21 -3.54 18.11
C ASP B 46 13.12 -2.57 18.55
N ARG B 47 12.57 -1.82 17.58
CA ARG B 47 11.52 -0.85 17.86
C ARG B 47 10.20 -1.56 18.12
N ALA B 48 10.00 -2.68 17.43
CA ALA B 48 8.82 -3.51 17.60
C ALA B 48 8.76 -4.07 19.02
N GLU B 49 9.90 -4.55 19.51
CA GLU B 49 10.02 -5.18 20.83
C GLU B 49 9.86 -4.20 21.97
N ASN B 50 10.22 -2.94 21.73
CA ASN B 50 10.09 -1.89 22.73
C ASN B 50 8.86 -0.99 22.54
N THR B 51 7.78 -1.54 21.99
CA THR B 51 6.51 -0.82 21.91
C THR B 51 5.76 -1.01 23.22
N GLN B 52 4.85 -0.08 23.53
CA GLN B 52 4.07 -0.14 24.76
C GLN B 52 3.12 -1.35 24.80
N PHE B 53 2.58 -1.75 23.65
CA PHE B 53 1.74 -2.93 23.56
C PHE B 53 2.52 -4.21 23.90
N VAL B 54 3.64 -4.43 23.19
CA VAL B 54 4.48 -5.63 23.39
C VAL B 54 5.01 -5.74 24.83
N LYS B 55 5.47 -4.61 25.37
CA LYS B 55 5.90 -4.53 26.77
C LYS B 55 4.83 -5.04 27.74
N ASP B 56 3.65 -4.40 27.67
CA ASP B 56 2.50 -4.74 28.53
C ASP B 56 2.04 -6.18 28.36
N PHE B 57 1.98 -6.65 27.11
CA PHE B 57 1.63 -8.04 26.80
C PHE B 57 2.55 -8.99 27.57
N LEU B 58 3.84 -8.95 27.22
CA LEU B 58 4.90 -9.72 27.89
C LEU B 58 4.85 -9.62 29.42
N LYS B 59 4.58 -8.43 29.92
CA LYS B 59 4.53 -8.17 31.37
C LYS B 59 3.31 -8.84 32.02
N GLY B 60 2.32 -9.21 31.16
CA GLY B 60 1.07 -9.82 31.62
C GLY B 60 -0.15 -8.93 31.52
N ASN B 61 0.16 -7.52 31.50
CA ASN B 61 -0.92 -6.53 31.46
C ASN B 61 -1.62 -6.47 30.11
N ILE B 62 -2.39 -7.51 29.78
CA ILE B 62 -3.21 -7.47 28.58
C ILE B 62 -4.70 -7.64 28.90
N LYS B 63 -5.53 -6.83 28.25
CA LYS B 63 -6.97 -6.86 28.53
C LYS B 63 -7.78 -7.45 27.39
N LYS B 64 -8.72 -8.32 27.75
CA LYS B 64 -9.53 -9.12 26.81
C LYS B 64 -9.84 -8.41 25.49
N GLU B 65 -10.43 -7.22 25.59
CA GLU B 65 -10.92 -6.49 24.41
C GLU B 65 -9.77 -6.05 23.48
N LEU B 66 -8.60 -5.80 24.08
CA LEU B 66 -7.42 -5.40 23.33
C LEU B 66 -6.75 -6.61 22.66
N PHE B 67 -6.76 -7.73 23.36
CA PHE B 67 -6.32 -9.01 22.80
C PHE B 67 -7.23 -9.41 21.63
N LYS B 68 -8.54 -9.26 21.83
CA LYS B 68 -9.54 -9.52 20.79
C LYS B 68 -9.27 -8.66 19.56
N LEU B 69 -8.94 -7.40 19.81
CA LEU B 69 -8.59 -6.45 18.76
C LEU B 69 -7.32 -6.86 18.01
N ALA B 70 -6.32 -7.33 18.74
CA ALA B 70 -5.08 -7.87 18.16
C ALA B 70 -5.31 -9.14 17.32
N THR B 71 -6.16 -10.05 17.82
CA THR B 71 -6.49 -11.28 17.09
C THR B 71 -7.25 -11.00 15.80
N THR B 72 -8.05 -9.92 15.81
CA THR B 72 -8.78 -9.42 14.65
C THR B 72 -7.82 -8.87 13.62
N ALA B 73 -6.84 -8.10 14.07
CA ALA B 73 -5.79 -7.63 13.19
C ALA B 73 -5.04 -8.83 12.58
N LEU B 74 -4.74 -9.85 13.39
CA LEU B 74 -4.02 -11.04 12.90
C LEU B 74 -4.80 -11.82 11.85
N TYR B 75 -6.09 -12.03 12.11
CA TYR B 75 -6.95 -12.78 11.19
C TYR B 75 -6.89 -12.25 9.76
N PHE B 76 -7.16 -10.95 9.58
CA PHE B 76 -7.24 -10.33 8.26
C PHE B 76 -5.90 -10.25 7.56
N THR B 77 -4.86 -9.94 8.35
CA THR B 77 -3.46 -9.97 7.90
C THR B 77 -3.04 -11.34 7.33
N TYR B 78 -3.26 -12.40 8.10
CA TYR B 78 -2.82 -13.74 7.68
C TYR B 78 -3.70 -14.32 6.60
N SER B 79 -4.96 -13.91 6.61
CA SER B 79 -5.88 -14.25 5.55
C SER B 79 -5.34 -13.73 4.21
N ALA B 80 -4.95 -12.46 4.18
CA ALA B 80 -4.39 -11.82 2.99
C ALA B 80 -3.06 -12.47 2.55
N LEU B 81 -2.18 -12.72 3.52
CA LEU B 81 -0.87 -13.32 3.25
C LEU B 81 -0.96 -14.74 2.68
N GLU B 82 -1.87 -15.54 3.23
CA GLU B 82 -1.96 -16.93 2.84
C GLU B 82 -2.70 -17.08 1.52
N GLU B 83 -3.59 -16.15 1.22
CA GLU B 83 -4.25 -16.06 -0.09
C GLU B 83 -3.22 -15.78 -1.20
N GLU B 84 -2.23 -14.95 -0.90
CA GLU B 84 -1.19 -14.57 -1.86
C GLU B 84 -0.07 -15.60 -2.00
N MET B 85 0.21 -16.32 -0.91
CA MET B 85 1.17 -17.42 -0.94
C MET B 85 0.61 -18.57 -1.76
N GLU B 86 -0.66 -18.87 -1.52
CA GLU B 86 -1.44 -19.78 -2.34
C GLU B 86 -1.39 -19.41 -3.82
N ARG B 87 -1.59 -18.13 -4.14
CA ARG B 87 -1.55 -17.66 -5.53
C ARG B 87 -0.21 -17.97 -6.21
N ASN B 88 0.86 -17.93 -5.42
CA ASN B 88 2.21 -17.97 -5.91
C ASN B 88 2.96 -19.23 -5.50
N LYS B 89 2.19 -20.25 -5.14
CA LYS B 89 2.76 -21.50 -4.67
C LYS B 89 3.63 -22.19 -5.72
N ASP B 90 3.43 -21.84 -6.99
CA ASP B 90 4.17 -22.51 -8.07
C ASP B 90 5.06 -21.53 -8.80
N HIS B 91 5.19 -20.32 -8.25
CA HIS B 91 6.05 -19.28 -8.77
C HIS B 91 7.48 -19.54 -8.31
N PRO B 92 8.47 -19.46 -9.22
CA PRO B 92 9.86 -19.85 -8.90
C PRO B 92 10.51 -18.98 -7.83
N ALA B 93 10.00 -17.76 -7.67
CA ALA B 93 10.50 -16.84 -6.67
C ALA B 93 9.87 -17.04 -5.28
N PHE B 94 8.87 -17.93 -5.17
CA PHE B 94 8.22 -18.22 -3.89
C PHE B 94 7.98 -19.70 -3.55
N ALA B 95 7.74 -20.51 -4.57
CA ALA B 95 7.46 -21.94 -4.43
C ALA B 95 8.15 -22.67 -3.26
N PRO B 96 9.51 -22.57 -3.14
CA PRO B 96 10.17 -23.30 -2.05
C PRO B 96 9.75 -22.88 -0.63
N LEU B 97 9.17 -21.69 -0.50
CA LEU B 97 8.75 -21.16 0.79
C LEU B 97 7.27 -21.43 1.06
N TYR B 98 6.66 -22.29 0.25
CA TYR B 98 5.25 -22.63 0.38
C TYR B 98 5.07 -23.85 1.30
N PHE B 99 4.55 -23.57 2.50
CA PHE B 99 4.35 -24.59 3.53
C PHE B 99 2.98 -24.43 4.18
N PRO B 100 1.90 -24.80 3.46
CA PRO B 100 0.56 -24.58 4.04
C PRO B 100 0.33 -25.40 5.31
N MET B 101 0.67 -26.68 5.28
CA MET B 101 0.52 -27.56 6.44
C MET B 101 1.25 -27.11 7.71
N GLU B 102 2.46 -26.59 7.56
CA GLU B 102 3.32 -26.30 8.71
C GLU B 102 3.08 -24.91 9.31
N LEU B 103 2.83 -23.93 8.44
CA LEU B 103 2.87 -22.55 8.85
C LEU B 103 1.57 -21.79 8.79
N HIS B 104 0.61 -22.23 7.98
CA HIS B 104 -0.59 -21.44 7.76
C HIS B 104 -1.45 -21.28 9.01
N ARG B 105 -1.92 -20.05 9.23
CA ARG B 105 -2.53 -19.65 10.48
C ARG B 105 -4.03 -19.36 10.38
N LYS B 106 -4.54 -19.20 9.16
CA LYS B 106 -5.92 -18.73 8.96
C LYS B 106 -6.97 -19.57 9.67
N GLU B 107 -6.90 -20.89 9.56
N GLU B 107 -6.85 -20.88 9.53
CA GLU B 107 -7.93 -21.74 10.19
CA GLU B 107 -7.76 -21.86 10.13
C GLU B 107 -7.78 -21.82 11.72
C GLU B 107 -7.76 -21.70 11.65
N ALA B 108 -6.55 -21.63 12.21
CA ALA B 108 -6.33 -21.44 13.64
C ALA B 108 -6.96 -20.13 14.14
N LEU B 109 -6.72 -19.04 13.42
CA LEU B 109 -7.29 -17.75 13.75
C LEU B 109 -8.81 -17.68 13.60
N THR B 110 -9.35 -18.45 12.64
CA THR B 110 -10.80 -18.59 12.49
C THR B 110 -11.42 -19.17 13.77
N LYS B 111 -10.75 -20.17 14.36
CA LYS B 111 -11.20 -20.77 15.63
C LYS B 111 -11.10 -19.78 16.78
N ASP B 112 -10.06 -18.94 16.75
CA ASP B 112 -9.85 -17.91 17.77
C ASP B 112 -10.88 -16.79 17.62
N MET B 113 -11.27 -16.51 16.39
CA MET B 113 -12.32 -15.52 16.10
C MET B 113 -13.70 -16.02 16.53
N GLU B 114 -14.02 -17.27 16.23
CA GLU B 114 -15.24 -17.90 16.74
C GLU B 114 -15.27 -17.86 18.27
N TYR B 115 -14.14 -18.18 18.90
CA TYR B 115 -14.06 -18.21 20.36
C TYR B 115 -14.39 -16.88 21.06
N PHE B 116 -13.82 -15.80 20.57
CA PHE B 116 -13.97 -14.50 21.22
C PHE B 116 -15.23 -13.74 20.78
N PHE B 117 -15.75 -14.09 19.60
CA PHE B 117 -16.80 -13.31 18.95
C PHE B 117 -18.07 -14.07 18.58
N GLY B 118 -18.13 -15.35 18.93
CA GLY B 118 -19.28 -16.18 18.59
C GLY B 118 -19.25 -16.65 17.15
N GLU B 119 -20.36 -17.23 16.71
CA GLU B 119 -20.43 -17.90 15.41
C GLU B 119 -20.60 -16.94 14.23
N ASN B 120 -21.35 -15.86 14.44
CA ASN B 120 -21.69 -14.94 13.35
C ASN B 120 -20.67 -13.82 13.11
N TRP B 121 -19.52 -13.94 13.78
CA TRP B 121 -18.51 -12.86 13.86
C TRP B 121 -18.17 -12.15 12.55
N GLU B 122 -18.01 -12.92 11.47
CA GLU B 122 -17.57 -12.42 10.16
C GLU B 122 -18.44 -11.26 9.63
N GLU B 123 -19.72 -11.30 10.02
CA GLU B 123 -20.70 -10.29 9.64
C GLU B 123 -20.58 -8.95 10.39
N GLN B 124 -19.90 -9.04 11.57
CA GLN B 124 -19.85 -7.91 12.51
C GLN B 124 -18.45 -7.30 12.65
N VAL B 125 -17.41 -8.07 12.35
CA VAL B 125 -16.03 -7.60 12.49
C VAL B 125 -15.42 -7.14 11.16
N GLN B 126 -15.04 -5.86 11.10
CA GLN B 126 -14.20 -5.38 9.99
C GLN B 126 -12.71 -5.30 10.40
N ALA B 127 -11.85 -5.24 9.38
CA ALA B 127 -10.43 -5.10 9.60
C ALA B 127 -10.13 -3.73 10.24
N PRO B 128 -9.28 -3.70 11.28
CA PRO B 128 -8.90 -2.39 11.83
C PRO B 128 -8.13 -1.61 10.76
N LYS B 129 -8.15 -0.28 10.82
CA LYS B 129 -7.63 0.57 9.74
C LYS B 129 -6.22 0.22 9.26
N ALA B 130 -5.28 0.14 10.21
CA ALA B 130 -3.88 -0.09 9.90
C ALA B 130 -3.63 -1.53 9.44
N ALA B 131 -4.42 -2.48 9.94
CA ALA B 131 -4.33 -3.86 9.46
C ALA B 131 -4.79 -3.93 8.00
N GLN B 132 -5.84 -3.17 7.71
CA GLN B 132 -6.42 -3.09 6.38
C GLN B 132 -5.44 -2.49 5.37
N LYS B 133 -4.72 -1.45 5.78
CA LYS B 133 -3.64 -0.91 4.97
C LYS B 133 -2.56 -1.92 4.67
N TYR B 134 -2.23 -2.74 5.65
CA TYR B 134 -1.22 -3.77 5.45
C TYR B 134 -1.75 -4.87 4.53
N VAL B 135 -3.00 -5.27 4.71
CA VAL B 135 -3.71 -6.18 3.79
C VAL B 135 -3.60 -5.69 2.33
N GLU B 136 -3.87 -4.40 2.09
CA GLU B 136 -3.76 -3.80 0.76
C GLU B 136 -2.37 -3.98 0.13
N ARG B 137 -1.32 -3.81 0.94
CA ARG B 137 0.06 -3.97 0.46
C ARG B 137 0.36 -5.41 0.09
N ILE B 138 -0.06 -6.33 0.95
CA ILE B 138 0.12 -7.75 0.74
C ILE B 138 -0.50 -8.23 -0.57
N HIS B 139 -1.70 -7.73 -0.88
CA HIS B 139 -2.37 -8.07 -2.13
C HIS B 139 -1.69 -7.47 -3.35
N TYR B 140 -1.28 -6.20 -3.27
CA TYR B 140 -0.46 -5.63 -4.34
C TYR B 140 0.76 -6.51 -4.63
N ILE B 141 1.54 -6.83 -3.60
CA ILE B 141 2.76 -7.61 -3.71
C ILE B 141 2.53 -9.01 -4.29
N GLY B 142 1.54 -9.74 -3.77
CA GLY B 142 1.28 -11.10 -4.22
C GLY B 142 0.74 -11.16 -5.65
N GLN B 143 0.14 -10.06 -6.09
CA GLN B 143 -0.46 -9.99 -7.43
C GLN B 143 0.47 -9.40 -8.49
N ASN B 144 1.49 -8.66 -8.07
CA ASN B 144 2.30 -7.88 -9.00
C ASN B 144 3.80 -8.01 -8.81
N GLU B 145 4.23 -8.16 -7.56
CA GLU B 145 5.65 -8.35 -7.27
C GLU B 145 5.91 -9.54 -6.33
N PRO B 146 5.52 -10.77 -6.75
CA PRO B 146 5.58 -11.98 -5.92
C PRO B 146 6.98 -12.32 -5.38
N GLU B 147 8.02 -11.85 -6.08
CA GLU B 147 9.38 -12.08 -5.65
C GLU B 147 9.71 -11.34 -4.36
N LEU B 148 8.86 -10.38 -3.98
CA LEU B 148 9.00 -9.64 -2.72
C LEU B 148 8.13 -10.24 -1.60
N LEU B 149 7.29 -11.20 -1.93
CA LEU B 149 6.40 -11.80 -0.93
C LEU B 149 7.16 -12.41 0.24
N VAL B 150 8.34 -12.95 -0.04
CA VAL B 150 9.20 -13.51 1.01
C VAL B 150 9.52 -12.51 2.13
N ALA B 151 9.60 -11.21 1.80
CA ALA B 151 9.83 -10.16 2.79
C ALA B 151 8.73 -10.17 3.85
N HIS B 152 7.49 -10.41 3.43
CA HIS B 152 6.37 -10.53 4.34
C HIS B 152 6.29 -11.89 5.07
N ALA B 153 6.38 -12.97 4.31
CA ALA B 153 6.36 -14.32 4.87
C ALA B 153 7.44 -14.57 5.90
N TYR B 154 8.67 -14.13 5.60
CA TYR B 154 9.82 -14.45 6.43
C TYR B 154 9.82 -13.67 7.74
N THR B 155 9.51 -12.37 7.68
CA THR B 155 9.41 -11.56 8.89
C THR B 155 8.32 -12.10 9.83
N ARG B 156 7.17 -12.45 9.26
CA ARG B 156 6.02 -12.94 10.01
C ARG B 156 6.22 -14.34 10.60
N TYR B 157 6.42 -15.34 9.74
CA TYR B 157 6.40 -16.75 10.18
C TYR B 157 7.57 -17.18 11.04
N MET B 158 8.74 -16.61 10.76
CA MET B 158 9.93 -16.94 11.54
C MET B 158 9.78 -16.38 12.94
N GLY B 159 9.17 -15.19 13.03
CA GLY B 159 8.84 -14.58 14.32
C GLY B 159 7.83 -15.41 15.11
N ASP B 160 6.72 -15.74 14.47
CA ASP B 160 5.64 -16.54 15.08
C ASP B 160 6.13 -17.86 15.63
N LEU B 161 6.96 -18.53 14.85
CA LEU B 161 7.49 -19.84 15.18
C LEU B 161 8.44 -19.78 16.37
N SER B 162 9.26 -18.73 16.43
CA SER B 162 10.21 -18.54 17.53
C SER B 162 9.52 -18.25 18.86
N GLY B 163 8.54 -17.35 18.84
CA GLY B 163 7.89 -16.86 20.07
C GLY B 163 6.55 -17.43 20.48
N GLY B 164 6.05 -18.40 19.72
CA GLY B 164 4.77 -19.06 20.01
C GLY B 164 4.67 -19.66 21.41
N GLN B 165 5.63 -20.50 21.78
CA GLN B 165 5.61 -21.20 23.07
C GLN B 165 5.57 -20.29 24.31
N VAL B 166 6.09 -19.07 24.17
CA VAL B 166 6.11 -18.12 25.28
C VAL B 166 4.81 -17.29 25.34
N LEU B 167 4.43 -16.71 24.21
CA LEU B 167 3.25 -15.85 24.11
C LEU B 167 1.93 -16.57 24.39
N LYS B 168 1.86 -17.84 23.98
CA LYS B 168 0.69 -18.67 24.18
C LYS B 168 0.29 -18.72 25.65
N LYS B 169 1.23 -19.11 26.51
CA LYS B 169 0.95 -19.29 27.92
C LYS B 169 0.92 -17.98 28.72
N VAL B 170 1.56 -16.94 28.20
CA VAL B 170 1.46 -15.60 28.80
C VAL B 170 0.04 -15.03 28.60
N ALA B 171 -0.50 -15.20 27.40
CA ALA B 171 -1.89 -14.79 27.10
C ALA B 171 -2.91 -15.68 27.82
N GLN B 172 -2.64 -16.99 27.90
CA GLN B 172 -3.49 -17.91 28.65
C GLN B 172 -3.51 -17.56 30.14
N ARG B 173 -2.34 -17.29 30.70
CA ARG B 173 -2.21 -16.90 32.11
C ARG B 173 -2.91 -15.57 32.43
N ALA B 174 -2.68 -14.57 31.58
CA ALA B 174 -3.22 -13.22 31.77
C ALA B 174 -4.75 -13.17 31.64
N LEU B 175 -5.27 -13.76 30.56
CA LEU B 175 -6.71 -13.70 30.29
C LEU B 175 -7.53 -14.85 30.90
N LYS B 176 -6.85 -15.77 31.59
CA LYS B 176 -7.49 -16.93 32.23
C LYS B 176 -8.19 -17.84 31.23
N LEU B 177 -7.52 -18.07 30.11
CA LEU B 177 -8.04 -18.91 29.01
C LEU B 177 -7.86 -20.40 29.32
N PRO B 178 -8.66 -21.28 28.66
CA PRO B 178 -8.64 -22.69 29.08
C PRO B 178 -7.32 -23.36 28.69
N SER B 179 -6.83 -24.23 29.58
CA SER B 179 -5.55 -24.92 29.38
C SER B 179 -5.57 -25.95 28.23
N THR B 180 -6.76 -26.19 27.67
CA THR B 180 -6.93 -27.05 26.50
C THR B 180 -6.58 -26.38 25.15
N GLY B 181 -6.58 -25.05 25.13
CA GLY B 181 -6.00 -24.30 24.00
C GLY B 181 -6.86 -23.30 23.25
N GLU B 182 -8.12 -23.13 23.67
CA GLU B 182 -9.06 -22.24 22.99
C GLU B 182 -8.65 -20.78 23.12
N GLY B 183 -8.72 -20.05 22.01
CA GLY B 183 -8.37 -18.63 21.99
C GLY B 183 -6.90 -18.32 21.74
N THR B 184 -6.07 -19.36 21.69
CA THR B 184 -4.63 -19.19 21.41
C THR B 184 -4.07 -20.15 20.33
N GLN B 185 -4.97 -20.66 19.49
CA GLN B 185 -4.62 -21.61 18.43
C GLN B 185 -3.56 -21.05 17.49
N PHE B 186 -3.64 -19.75 17.25
CA PHE B 186 -2.66 -19.01 16.45
C PHE B 186 -1.20 -19.23 16.90
N TYR B 187 -0.99 -19.36 18.20
CA TYR B 187 0.35 -19.45 18.79
C TYR B 187 0.90 -20.87 18.86
N LEU B 188 0.06 -21.85 18.49
CA LEU B 188 0.44 -23.26 18.47
C LEU B 188 0.60 -23.76 17.02
N PHE B 189 1.81 -24.22 16.72
CA PHE B 189 2.13 -24.85 15.45
C PHE B 189 2.20 -26.37 15.64
N GLU B 190 1.06 -27.03 15.51
CA GLU B 190 0.97 -28.46 15.80
C GLU B 190 1.58 -29.39 14.75
N ASN B 191 1.82 -28.85 13.56
CA ASN B 191 2.48 -29.59 12.47
C ASN B 191 3.94 -29.21 12.30
N VAL B 192 4.56 -28.69 13.36
CA VAL B 192 6.00 -28.44 13.40
C VAL B 192 6.53 -29.12 14.66
N ASP B 193 7.36 -30.14 14.46
CA ASP B 193 7.92 -30.89 15.58
C ASP B 193 9.04 -30.11 16.26
N ASN B 194 9.91 -29.53 15.45
CA ASN B 194 11.05 -28.81 15.96
C ASN B 194 11.17 -27.48 15.24
N ALA B 195 10.83 -26.42 15.95
CA ALA B 195 10.83 -25.06 15.43
C ALA B 195 12.21 -24.63 14.92
N GLN B 196 13.23 -24.86 15.74
CA GLN B 196 14.63 -24.60 15.40
C GLN B 196 15.02 -25.23 14.06
N GLN B 197 14.74 -26.54 13.91
CA GLN B 197 15.07 -27.29 12.70
C GLN B 197 14.30 -26.82 11.47
N PHE B 198 13.05 -26.41 11.67
CA PHE B 198 12.25 -25.89 10.56
C PHE B 198 12.74 -24.52 10.06
N LYS B 199 13.15 -23.66 10.99
CA LYS B 199 13.75 -22.37 10.61
C LYS B 199 15.01 -22.60 9.75
N GLN B 200 15.83 -23.56 10.16
CA GLN B 200 17.00 -23.98 9.38
C GLN B 200 16.62 -24.38 7.96
N LEU B 201 15.63 -25.27 7.86
CA LEU B 201 15.08 -25.71 6.57
C LEU B 201 14.60 -24.52 5.73
N TYR B 202 13.74 -23.68 6.33
CA TYR B 202 13.17 -22.50 5.68
C TYR B 202 14.24 -21.48 5.20
N ARG B 203 15.26 -21.24 6.04
CA ARG B 203 16.39 -20.36 5.70
C ARG B 203 17.20 -20.86 4.49
N ALA B 204 17.51 -22.16 4.46
CA ALA B 204 18.22 -22.77 3.33
C ALA B 204 17.46 -22.63 2.00
N ARG B 205 16.17 -22.86 2.03
CA ARG B 205 15.32 -22.71 0.85
C ARG B 205 15.29 -21.29 0.34
N MET B 206 15.12 -20.33 1.25
CA MET B 206 15.09 -18.91 0.93
C MET B 206 16.43 -18.43 0.38
N ASN B 207 17.51 -19.01 0.90
CA ASN B 207 18.85 -18.65 0.46
C ASN B 207 19.24 -19.29 -0.88
N ALA B 208 18.43 -20.26 -1.32
CA ALA B 208 18.66 -20.92 -2.62
C ALA B 208 17.91 -20.25 -3.78
N LEU B 209 16.99 -19.35 -3.46
CA LEU B 209 16.22 -18.61 -4.48
C LEU B 209 17.14 -17.84 -5.41
N ASP B 210 16.82 -17.85 -6.71
CA ASP B 210 17.66 -17.19 -7.71
C ASP B 210 17.37 -15.69 -7.74
N LEU B 211 18.18 -14.91 -7.03
CA LEU B 211 17.94 -13.47 -6.87
C LEU B 211 19.20 -12.60 -7.08
N ASN B 212 19.07 -11.52 -7.85
CA ASN B 212 20.07 -10.43 -7.92
C ASN B 212 20.34 -9.85 -6.54
N MET B 213 21.46 -9.14 -6.41
CA MET B 213 21.71 -8.30 -5.25
C MET B 213 20.69 -7.16 -5.20
N LYS B 214 20.30 -6.70 -6.38
CA LYS B 214 19.30 -5.64 -6.52
C LYS B 214 17.92 -6.06 -6.03
N THR B 215 17.46 -7.26 -6.40
CA THR B 215 16.19 -7.75 -5.86
C THR B 215 16.30 -8.15 -4.38
N LYS B 216 17.49 -8.55 -3.93
CA LYS B 216 17.71 -8.77 -2.50
C LYS B 216 17.52 -7.47 -1.71
N GLU B 217 18.06 -6.38 -2.22
CA GLU B 217 17.90 -5.09 -1.57
C GLU B 217 16.45 -4.63 -1.56
N ARG B 218 15.72 -4.96 -2.61
CA ARG B 218 14.30 -4.64 -2.70
C ARG B 218 13.50 -5.47 -1.70
N ILE B 219 13.97 -6.68 -1.42
CA ILE B 219 13.34 -7.55 -0.43
C ILE B 219 13.57 -7.04 1.01
N VAL B 220 14.77 -6.55 1.29
CA VAL B 220 15.12 -6.01 2.61
C VAL B 220 14.34 -4.72 2.86
N GLU B 221 14.24 -3.91 1.82
CA GLU B 221 13.48 -2.67 1.87
C GLU B 221 12.00 -2.92 2.18
N GLU B 222 11.43 -3.90 1.50
CA GLU B 222 10.05 -4.33 1.74
C GLU B 222 9.83 -4.98 3.10
N ALA B 223 10.86 -5.62 3.67
CA ALA B 223 10.77 -6.18 5.03
C ALA B 223 10.71 -5.03 6.03
N ASN B 224 11.49 -3.99 5.80
CA ASN B 224 11.43 -2.78 6.62
C ASN B 224 10.07 -2.07 6.55
N LYS B 225 9.42 -2.17 5.39
CA LYS B 225 8.12 -1.58 5.18
C LYS B 225 7.05 -2.37 5.92
N ALA B 226 7.21 -3.69 5.93
CA ALA B 226 6.35 -4.57 6.72
C ALA B 226 6.37 -4.20 8.22
N PHE B 227 7.55 -3.79 8.72
CA PHE B 227 7.73 -3.39 10.12
C PHE B 227 7.11 -2.03 10.42
N GLU B 228 7.09 -1.17 9.42
CA GLU B 228 6.38 0.09 9.53
C GLU B 228 4.88 -0.17 9.63
N TYR B 229 4.35 -1.06 8.80
CA TYR B 229 2.95 -1.47 8.90
C TYR B 229 2.70 -2.06 10.29
N ASN B 230 3.60 -2.93 10.72
CA ASN B 230 3.60 -3.52 12.05
C ASN B 230 3.49 -2.46 13.17
N MET B 231 4.32 -1.42 13.07
CA MET B 231 4.28 -0.31 14.04
C MET B 231 2.94 0.44 14.05
N GLN B 232 2.38 0.70 12.87
CA GLN B 232 1.05 1.31 12.74
C GLN B 232 -0.05 0.49 13.41
N ILE B 233 -0.02 -0.84 13.20
CA ILE B 233 -0.94 -1.75 13.89
C ILE B 233 -0.78 -1.71 15.42
N PHE B 234 0.47 -1.68 15.90
CA PHE B 234 0.74 -1.53 17.35
C PHE B 234 0.32 -0.18 17.89
N ASN B 235 0.60 0.88 17.13
N ASN B 235 0.58 0.87 17.13
CA ASN B 235 0.18 2.25 17.44
CA ASN B 235 0.18 2.24 17.50
C ASN B 235 -1.33 2.34 17.62
C ASN B 235 -1.34 2.42 17.57
N GLU B 236 -2.06 1.71 16.70
CA GLU B 236 -3.53 1.70 16.74
C GLU B 236 -4.05 0.98 17.98
N LEU B 237 -3.43 -0.15 18.32
CA LEU B 237 -3.82 -0.94 19.49
C LEU B 237 -3.50 -0.21 20.79
N ASP B 238 -2.45 0.61 20.77
CA ASP B 238 -2.08 1.44 21.90
C ASP B 238 -3.08 2.56 22.14
N GLN B 239 -3.54 3.16 21.05
CA GLN B 239 -4.53 4.23 21.13
C GLN B 239 -5.87 3.68 21.56
N ALA B 240 -6.19 2.46 21.14
CA ALA B 240 -7.41 1.77 21.55
C ALA B 240 -7.40 1.43 23.05
N GLY B 241 -6.21 1.10 23.57
CA GLY B 241 -6.02 0.77 24.99
C GLY B 241 -6.15 1.96 25.93
N SER B 242 -5.73 3.14 25.46
CA SER B 242 -5.88 4.38 26.21
C SER B 242 -7.34 4.81 26.29
N THR B 243 -8.07 4.63 25.18
CA THR B 243 -9.48 5.02 25.08
C THR B 243 -10.41 4.07 25.86
N LEU B 244 -9.88 2.96 26.33
CA LEU B 244 -10.63 2.01 27.17
C LEU B 244 -10.13 1.97 28.62
N ALA B 245 -9.09 2.77 28.90
CA ALA B 245 -8.58 3.02 30.25
C ALA B 245 -8.99 4.41 30.74
N ARG B 246 -9.22 5.31 29.78
CA ARG B 246 -9.91 6.58 30.04
C ARG B 246 -11.41 6.35 30.17
N GLU B 247 -11.85 5.16 29.77
CA GLU B 247 -13.25 4.74 29.83
C GLU B 247 -13.51 3.91 31.09
N THR B 248 -12.53 3.88 32.00
CA THR B 248 -12.65 3.13 33.24
C THR B 248 -11.95 3.82 34.41
C5 OXN C . -7.09 12.33 -3.53
C1 OXN C . -8.28 11.60 -4.19
C3 OXN C . -8.16 11.41 -5.71
C4 OXN C . -9.56 12.30 -3.81
C2 OXN C . -8.32 10.21 -3.58
C6 OXN C . -6.41 13.49 -4.28
C9 OXN C . -5.46 12.93 -5.40
C8 OXN C . -7.39 14.54 -4.83
C7 OXN C . -5.53 14.21 -3.26
C10 OXN C . -5.50 13.36 -6.73
C11 OXN C . -4.61 12.84 -7.69
C12 OXN C . -3.66 11.88 -7.33
C13 OXN C . -3.62 11.44 -6.00
C14 OXN C . -4.50 11.97 -5.05
O15 OXN C . -2.79 11.37 -8.27
C16 OXN C . -1.37 11.32 -7.85
C17 OXN C . -0.36 11.20 -9.01
O18 OXN C . 0.23 9.88 -9.12
C19 OXN C . 0.27 9.40 -10.48
C20 OXN C . 0.27 7.86 -10.44
O21 OXN C . -0.45 7.18 -11.50
C22 OXN C . -1.87 7.10 -11.26
C23 OXN C . -2.42 5.92 -10.46
O24 OXN C . -3.84 6.16 -10.25
C25 OXN C . -4.29 5.91 -8.90
C26 OXN C . -5.63 6.58 -8.68
O27 OXN C . -5.61 7.34 -7.45
C28 OXN C . -6.75 8.24 -7.31
C29 OXN C . -7.82 7.69 -6.35
O30 OXN C . -8.67 6.69 -6.98
C31 OXN C . -9.92 6.60 -6.26
C32 OXN C . -11.10 6.75 -7.19
C5 OXN D . 6.94 -12.05 19.26
C1 OXN D . 8.27 -12.65 19.83
C3 OXN D . 9.11 -11.48 20.33
C4 OXN D . 9.11 -13.46 18.83
C2 OXN D . 7.95 -13.49 21.07
C6 OXN D . 6.19 -12.63 18.00
C9 OXN D . 6.65 -11.94 16.68
C8 OXN D . 6.20 -14.15 17.89
C7 OXN D . 4.71 -12.22 18.08
C10 OXN D . 5.99 -12.19 15.46
C11 OXN D . 6.39 -11.56 14.29
C12 OXN D . 7.46 -10.65 14.31
C13 OXN D . 8.13 -10.39 15.52
C14 OXN D . 7.72 -11.03 16.68
O15 OXN D . 7.87 -10.03 13.17
C16 OXN D . 7.26 -8.71 13.00
C17 OXN D . 7.37 -8.29 11.55
O18 OXN D . 6.12 -8.45 10.86
C19 OXN D . 5.80 -7.23 10.17
C20 OXN D . 4.37 -7.29 9.66
O21 OXN D . 3.42 -6.82 10.63
C22 OXN D . 2.30 -7.72 10.57
C23 OXN D . 1.20 -7.35 11.55
O24 OXN D . 1.56 -7.58 12.91
C25 OXN D . 0.39 -7.86 13.69
C26 OXN D . 0.29 -6.96 14.91
O27 OXN D . 0.70 -7.62 16.13
C28 OXN D . -0.44 -7.95 16.92
C29 OXN D . -0.32 -9.39 17.38
O30 OXN D . -0.36 -9.47 18.81
C31 OXN D . 0.73 -10.26 19.30
C32 OXN D . 1.30 -9.62 20.57
O33 OXN D . 2.60 -10.20 20.85
C34 OXN D . 3.65 -9.21 20.83
C35 OXN D . 4.36 -9.16 19.48
O36 OXN D . 5.80 -9.22 19.64
C37 OXN D . 6.45 -8.33 18.71
C38 OXN D . 7.96 -8.26 18.94
#